data_2XXQ
#
_entry.id   2XXQ
#
_cell.length_a   73.500
_cell.length_b   73.500
_cell.length_c   163.790
_cell.angle_alpha   90.00
_cell.angle_beta   90.00
_cell.angle_gamma   90.00
#
_symmetry.space_group_name_H-M   'P 43 21 2'
#
loop_
_entity.id
_entity.type
_entity.pdbx_description
1 polymer CPS2A
2 non-polymer 1,2-ETHANEDIOL
3 non-polymer 'ACETATE ION'
4 non-polymer '(2Z,6Z,10Z,14Z,18Z,22Z,26Z)-3,7,11,15,19,23,27,31-octamethyldotriaconta-2,6,10,14,18,22,26,30-octaen-1-yl trihydrogen diphosphate'
5 water water
#
_entity_poly.entity_id   1
_entity_poly.type   'polypeptide(L)'
_entity_poly.pdbx_seq_one_letter_code
;MGLTNRLNATSNYSEYSLSVAVLADSEIENVTQLTSVTAPTGTDNENIQKLLADIKSSQNTDLTVNQSSSYLAAYKSLIA
GETKAIVLNSVFENIIELEYPDYASKIKKIYTKGFTKKVEAPKTSKNQSFNIYVSGIDTYGPISSVSRSDVNILMTVNRD
TKKILLTTTPADAYVPIADGGNNQKDKLTHAGIYGVDSSIHTLENLYGVDINYYVRLNFTSFLKMIDLLGGVDVHNDQEF
SALHGKFHFPVGNVHLDSEQALGFVRERYSLADGDRDRGRNQQKVIVAILQKLTSTEALKNYSTIINSLQDSIQTNVPLE
TMINLVNAQLESGGNYKVNSQDLKGTGRMDLPSYAMPDSNLYVMEIDDSSLAVVKAAIQDVMEGRKLAAALEHHHHHH
;
_entity_poly.pdbx_strand_id   A
#
loop_
_chem_comp.id
_chem_comp.type
_chem_comp.name
_chem_comp.formula
ACT non-polymer 'ACETATE ION' 'C2 H3 O2 -1'
EDO non-polymer 1,2-ETHANEDIOL 'C2 H6 O2'
ZTP non-polymer '(2Z,6Z,10Z,14Z,18Z,22Z,26Z)-3,7,11,15,19,23,27,31-octamethyldotriaconta-2,6,10,14,18,22,26,30-octaen-1-yl trihydrogen diphosphate' 'C40 H68 O7 P2'
#
# COMPACT_ATOMS: atom_id res chain seq x y z
N SER A 14 11.90 -5.22 9.75
CA SER A 14 11.59 -3.78 9.52
C SER A 14 11.98 -2.92 10.73
N GLU A 15 12.23 -1.64 10.49
CA GLU A 15 12.71 -0.74 11.56
C GLU A 15 11.83 0.49 11.75
N TYR A 16 11.59 0.83 13.01
CA TYR A 16 10.91 2.06 13.37
C TYR A 16 11.48 2.56 14.69
N SER A 17 11.03 3.72 15.14
CA SER A 17 11.49 4.26 16.41
C SER A 17 10.37 4.92 17.16
N LEU A 18 10.53 4.95 18.47
CA LEU A 18 9.72 5.79 19.32
C LEU A 18 10.64 6.82 19.97
N SER A 19 10.17 8.05 19.98
CA SER A 19 10.93 9.15 20.56
CA SER A 19 10.93 9.15 20.56
C SER A 19 10.08 9.93 21.53
N VAL A 20 10.74 10.72 22.38
CA VAL A 20 10.03 11.72 23.16
C VAL A 20 10.31 13.03 22.44
N ALA A 21 9.23 13.72 22.08
CA ALA A 21 9.33 14.96 21.32
C ALA A 21 8.76 16.11 22.12
N VAL A 22 9.38 17.26 21.95
CA VAL A 22 8.90 18.51 22.52
C VAL A 22 8.89 19.55 21.41
N LEU A 23 8.30 20.71 21.67
CA LEU A 23 8.38 21.78 20.67
C LEU A 23 9.83 22.18 20.39
N ALA A 24 10.10 22.58 19.13
CA ALA A 24 11.46 22.92 18.70
C ALA A 24 12.15 23.95 19.61
N ASP A 25 11.38 24.91 20.12
CA ASP A 25 11.97 25.99 20.93
CA ASP A 25 11.93 26.02 20.94
C ASP A 25 11.89 25.75 22.44
N SER A 26 11.50 24.54 22.84
CA SER A 26 11.36 24.20 24.25
C SER A 26 12.67 24.31 25.05
N GLU A 27 12.54 24.75 26.30
CA GLU A 27 13.64 24.76 27.27
C GLU A 27 14.04 23.33 27.68
N ILE A 28 13.15 22.37 27.46
CA ILE A 28 13.42 20.96 27.80
C ILE A 28 14.51 20.39 26.88
N GLU A 29 15.54 19.77 27.47
CA GLU A 29 16.68 19.23 26.71
C GLU A 29 16.78 17.71 26.84
N ASN A 30 16.23 17.18 27.94
CA ASN A 30 16.33 15.74 28.19
C ASN A 30 15.18 15.20 29.03
N VAL A 31 15.00 13.89 28.96
CA VAL A 31 13.85 13.23 29.55
C VAL A 31 13.84 13.32 31.09
N THR A 32 15.01 13.50 31.73
CA THR A 32 15.06 13.58 33.20
C THR A 32 14.38 14.85 33.72
N GLN A 33 14.15 15.80 32.80
CA GLN A 33 13.50 17.06 33.13
C GLN A 33 11.98 16.99 33.10
N LEU A 34 11.45 15.85 32.68
CA LEU A 34 10.01 15.62 32.57
C LEU A 34 9.47 14.80 33.73
N THR A 35 8.18 14.97 33.99
CA THR A 35 7.48 14.12 34.94
C THR A 35 6.36 13.32 34.28
N SER A 36 5.90 13.80 33.11
CA SER A 36 4.87 13.13 32.34
C SER A 36 5.12 13.24 30.82
N VAL A 37 4.47 12.36 30.06
CA VAL A 37 4.47 12.42 28.61
C VAL A 37 3.07 12.04 28.11
N THR A 38 2.65 12.65 27.02
CA THR A 38 1.36 12.37 26.40
C THR A 38 1.56 11.32 25.33
N ALA A 39 0.76 10.24 25.41
CA ALA A 39 0.91 9.14 24.47
C ALA A 39 -0.39 8.36 24.30
N PRO A 40 -0.64 7.82 23.09
CA PRO A 40 -1.83 7.00 22.84
C PRO A 40 -1.69 5.54 23.34
N THR A 41 -1.73 5.37 24.66
CA THR A 41 -1.58 4.04 25.26
C THR A 41 -2.81 3.13 25.03
N GLY A 42 -3.89 3.71 24.54
CA GLY A 42 -5.07 2.92 24.20
C GLY A 42 -4.87 2.07 22.94
N THR A 43 -3.95 2.50 22.08
CA THR A 43 -3.78 1.91 20.75
C THR A 43 -2.33 1.50 20.40
N ASP A 44 -1.34 2.03 21.12
CA ASP A 44 0.06 1.66 20.86
C ASP A 44 0.77 1.30 22.16
N ASN A 45 0.06 0.64 23.07
CA ASN A 45 0.59 0.44 24.42
C ASN A 45 1.85 -0.41 24.49
N GLU A 46 1.91 -1.49 23.72
CA GLU A 46 3.08 -2.35 23.72
C GLU A 46 4.35 -1.55 23.43
N ASN A 47 4.35 -0.81 22.32
CA ASN A 47 5.50 0.03 21.97
C ASN A 47 5.80 1.08 23.02
N ILE A 48 4.75 1.79 23.47
CA ILE A 48 4.95 2.86 24.46
C ILE A 48 5.58 2.35 25.76
N GLN A 49 5.08 1.22 26.26
CA GLN A 49 5.66 0.62 27.48
C GLN A 49 7.13 0.21 27.32
N LYS A 50 7.52 -0.24 26.13
CA LYS A 50 8.92 -0.57 25.88
C LYS A 50 9.82 0.66 25.90
N LEU A 51 9.33 1.78 25.39
CA LEU A 51 10.06 3.04 25.45
C LEU A 51 10.21 3.47 26.91
N LEU A 52 9.11 3.42 27.66
CA LEU A 52 9.17 3.87 29.06
C LEU A 52 10.14 3.02 29.90
N ALA A 53 10.16 1.71 29.64
CA ALA A 53 11.06 0.80 30.33
C ALA A 53 12.52 1.13 29.99
N ASP A 54 12.74 1.53 28.74
CA ASP A 54 14.08 1.89 28.25
C ASP A 54 14.56 3.17 28.96
N ILE A 55 13.66 4.14 29.07
CA ILE A 55 13.95 5.38 29.80
C ILE A 55 14.25 5.10 31.27
N LYS A 56 13.49 4.20 31.88
CA LYS A 56 13.74 3.82 33.27
C LYS A 56 15.13 3.18 33.40
N SER A 57 15.45 2.31 32.46
CA SER A 57 16.71 1.58 32.46
C SER A 57 17.91 2.50 32.32
N SER A 58 17.88 3.34 31.30
CA SER A 58 19.04 4.16 30.93
C SER A 58 19.14 5.46 31.74
N GLN A 59 18.01 5.99 32.19
CA GLN A 59 18.01 7.31 32.83
C GLN A 59 17.43 7.32 34.25
N ASN A 60 16.99 6.16 34.73
CA ASN A 60 16.31 6.05 36.02
C ASN A 60 15.31 7.18 36.26
N THR A 61 14.39 7.34 35.30
CA THR A 61 13.35 8.36 35.29
C THR A 61 12.02 7.66 35.08
N ASP A 62 11.08 7.94 35.99
CA ASP A 62 9.71 7.42 35.93
C ASP A 62 8.89 8.52 35.29
N LEU A 63 8.06 8.17 34.31
CA LEU A 63 7.16 9.13 33.70
C LEU A 63 5.76 8.59 33.79
N THR A 64 4.83 9.43 34.20
CA THR A 64 3.43 9.07 34.08
C THR A 64 2.97 9.37 32.66
N VAL A 65 1.95 8.65 32.22
CA VAL A 65 1.38 8.87 30.90
C VAL A 65 0.06 9.62 30.97
N ASN A 66 -0.05 10.69 30.20
CA ASN A 66 -1.32 11.33 29.90
C ASN A 66 -1.85 10.69 28.62
N GLN A 67 -2.93 9.91 28.70
CA GLN A 67 -3.45 9.23 27.51
C GLN A 67 -3.99 10.21 26.46
N SER A 68 -3.52 10.07 25.21
CA SER A 68 -4.14 10.73 24.05
C SER A 68 -4.90 9.70 23.23
N SER A 69 -5.86 10.16 22.44
CA SER A 69 -6.69 9.25 21.64
C SER A 69 -5.95 8.67 20.44
N SER A 70 -4.88 9.33 20.01
CA SER A 70 -4.05 8.97 18.86
C SER A 70 -2.72 9.73 18.86
N TYR A 71 -1.80 9.36 17.97
CA TYR A 71 -0.58 10.15 17.76
C TYR A 71 -0.88 11.55 17.22
N LEU A 72 -1.83 11.66 16.28
CA LEU A 72 -2.30 12.96 15.81
C LEU A 72 -2.80 13.83 16.96
N ALA A 73 -3.62 13.24 17.84
CA ALA A 73 -4.16 13.95 19.00
C ALA A 73 -3.06 14.43 19.94
N ALA A 74 -2.04 13.60 20.15
CA ALA A 74 -0.88 14.00 20.99
C ALA A 74 -0.14 15.17 20.37
N TYR A 75 0.09 15.09 19.06
CA TYR A 75 0.73 16.17 18.32
C TYR A 75 -0.06 17.49 18.46
N LYS A 76 -1.39 17.43 18.26
CA LYS A 76 -2.23 18.61 18.46
C LYS A 76 -2.10 19.21 19.86
N SER A 77 -2.08 18.36 20.88
CA SER A 77 -1.91 18.82 22.26
C SER A 77 -0.55 19.50 22.50
N LEU A 78 0.50 18.96 21.86
CA LEU A 78 1.83 19.56 21.94
C LEU A 78 1.86 20.96 21.33
N ILE A 79 1.35 21.10 20.10
CA ILE A 79 1.40 22.39 19.44
C ILE A 79 0.44 23.42 20.08
N ALA A 80 -0.63 22.94 20.72
CA ALA A 80 -1.57 23.79 21.46
C ALA A 80 -1.00 24.26 22.81
N GLY A 81 0.11 23.65 23.21
CA GLY A 81 0.76 23.97 24.49
C GLY A 81 0.05 23.34 25.68
N GLU A 82 -0.77 22.32 25.41
CA GLU A 82 -1.54 21.63 26.44
C GLU A 82 -0.77 20.51 27.15
N THR A 83 0.29 20.04 26.49
CA THR A 83 1.26 19.11 27.10
C THR A 83 2.66 19.58 26.71
N LYS A 84 3.64 19.32 27.57
CA LYS A 84 5.04 19.70 27.30
C LYS A 84 5.79 18.70 26.38
N ALA A 85 5.35 17.45 26.39
CA ALA A 85 6.07 16.35 25.72
C ALA A 85 5.14 15.24 25.27
N ILE A 86 5.45 14.67 24.12
CA ILE A 86 4.74 13.51 23.61
C ILE A 86 5.65 12.36 23.29
N VAL A 87 5.06 11.17 23.22
CA VAL A 87 5.71 10.05 22.57
C VAL A 87 5.31 10.09 21.08
N LEU A 88 6.28 9.82 20.20
CA LEU A 88 6.02 9.74 18.75
C LEU A 88 6.62 8.43 18.22
N ASN A 89 5.77 7.62 17.60
CA ASN A 89 6.17 6.42 16.91
C ASN A 89 6.35 6.86 15.44
N SER A 90 7.55 6.64 14.90
CA SER A 90 7.93 7.20 13.59
C SER A 90 6.99 6.80 12.45
N VAL A 91 6.35 5.63 12.56
CA VAL A 91 5.38 5.20 11.53
C VAL A 91 4.26 6.23 11.39
N PHE A 92 3.90 6.83 12.52
CA PHE A 92 2.73 7.70 12.55
C PHE A 92 3.05 9.14 12.15
N GLU A 93 4.34 9.48 12.06
CA GLU A 93 4.80 10.78 11.46
C GLU A 93 4.17 11.05 10.09
N ASN A 94 4.10 10.00 9.26
CA ASN A 94 3.61 10.13 7.90
C ASN A 94 2.09 10.38 7.91
N ILE A 95 1.42 9.95 8.98
CA ILE A 95 -0.03 10.18 9.13
C ILE A 95 -0.28 11.60 9.62
N ILE A 96 0.51 12.02 10.60
CA ILE A 96 0.43 13.39 11.10
C ILE A 96 0.64 14.37 9.95
N GLU A 97 1.58 14.03 9.07
CA GLU A 97 1.96 14.89 7.93
C GLU A 97 0.77 15.21 7.02
N LEU A 98 -0.22 14.32 7.00
CA LEU A 98 -1.43 14.52 6.18
C LEU A 98 -2.20 15.80 6.55
N GLU A 99 -2.39 16.04 7.85
CA GLU A 99 -3.05 17.27 8.30
C GLU A 99 -2.07 18.37 8.66
N TYR A 100 -0.84 17.99 8.99
CA TYR A 100 0.19 18.95 9.43
C TYR A 100 1.49 18.75 8.64
N PRO A 101 1.54 19.22 7.38
CA PRO A 101 2.70 18.89 6.54
C PRO A 101 4.02 19.43 7.06
N ASP A 102 3.98 20.47 7.88
CA ASP A 102 5.20 21.06 8.47
C ASP A 102 5.56 20.50 9.86
N TYR A 103 4.96 19.38 10.27
CA TYR A 103 5.13 18.89 11.66
C TYR A 103 6.63 18.72 12.02
N ALA A 104 7.47 18.29 11.07
CA ALA A 104 8.87 18.00 11.41
C ALA A 104 9.59 19.27 11.91
N SER A 105 9.26 20.41 11.33
CA SER A 105 9.91 21.68 11.68
C SER A 105 9.42 22.21 13.04
N LYS A 106 8.31 21.69 13.54
CA LYS A 106 7.70 22.19 14.77
C LYS A 106 8.29 21.52 16.04
N ILE A 107 9.04 20.44 15.85
CA ILE A 107 9.45 19.60 16.99
C ILE A 107 10.93 19.31 17.05
N LYS A 108 11.39 18.91 18.25
CA LYS A 108 12.69 18.29 18.41
C LYS A 108 12.51 17.02 19.21
N LYS A 109 13.43 16.09 19.01
CA LYS A 109 13.40 14.82 19.72
C LYS A 109 14.51 14.83 20.75
N ILE A 110 14.18 14.45 21.99
CA ILE A 110 15.15 14.50 23.10
C ILE A 110 15.58 13.10 23.58
N TYR A 111 14.89 12.07 23.09
CA TYR A 111 15.17 10.69 23.47
C TYR A 111 14.68 9.82 22.33
N THR A 112 15.48 8.83 21.95
CA THR A 112 15.16 7.98 20.81
C THR A 112 15.40 6.51 21.15
N LYS A 113 14.44 5.65 20.85
CA LYS A 113 14.65 4.20 20.98
C LYS A 113 14.30 3.51 19.66
N GLY A 114 15.24 2.72 19.13
CA GLY A 114 14.99 1.95 17.89
C GLY A 114 14.28 0.64 18.14
N PHE A 115 13.41 0.27 17.21
CA PHE A 115 12.63 -0.96 17.27
C PHE A 115 12.80 -1.75 15.98
N THR A 116 12.66 -3.07 16.09
CA THR A 116 12.57 -3.93 14.91
C THR A 116 11.36 -4.85 15.06
N LYS A 117 10.62 -5.04 13.97
CA LYS A 117 9.57 -6.04 13.90
C LYS A 117 9.98 -7.09 12.87
N LYS A 118 9.98 -8.35 13.29
CA LYS A 118 10.29 -9.47 12.39
C LYS A 118 9.23 -9.47 11.31
N VAL A 119 9.64 -9.69 10.07
CA VAL A 119 8.72 -9.57 8.94
C VAL A 119 7.78 -10.78 8.85
N GLU A 120 6.48 -10.54 8.63
CA GLU A 120 5.54 -11.64 8.41
C GLU A 120 5.87 -12.34 7.09
N ALA A 121 6.21 -13.62 7.21
CA ALA A 121 6.66 -14.42 6.09
C ALA A 121 5.59 -14.57 5.01
N PRO A 122 6.03 -14.72 3.75
CA PRO A 122 5.05 -15.09 2.73
C PRO A 122 4.45 -16.46 3.08
N LYS A 123 3.20 -16.66 2.70
CA LYS A 123 2.53 -17.93 2.99
C LYS A 123 2.58 -18.76 1.73
N THR A 124 3.17 -19.95 1.81
CA THR A 124 3.11 -20.87 0.68
C THR A 124 1.73 -21.53 0.71
N SER A 125 1.01 -21.46 -0.41
CA SER A 125 -0.32 -22.04 -0.49
C SER A 125 -0.22 -23.56 -0.43
N LYS A 126 -1.22 -24.18 0.20
CA LYS A 126 -1.28 -25.63 0.28
C LYS A 126 -1.94 -26.27 -0.95
N ASN A 127 -2.30 -25.45 -1.93
CA ASN A 127 -2.86 -25.97 -3.17
C ASN A 127 -2.39 -25.23 -4.41
N GLN A 128 -3.08 -25.51 -5.51
CA GLN A 128 -2.76 -25.03 -6.86
C GLN A 128 -2.90 -23.53 -7.06
N SER A 129 -3.46 -22.83 -6.07
CA SER A 129 -3.77 -21.41 -6.20
C SER A 129 -3.06 -20.55 -5.19
N PHE A 130 -2.81 -19.29 -5.55
CA PHE A 130 -2.23 -18.33 -4.62
C PHE A 130 -2.72 -16.93 -4.96
N ASN A 131 -2.61 -16.04 -4.00
CA ASN A 131 -3.03 -14.65 -4.16
C ASN A 131 -1.82 -13.75 -4.04
N ILE A 132 -1.63 -12.85 -5.00
CA ILE A 132 -0.60 -11.85 -4.92
C ILE A 132 -1.25 -10.47 -4.91
N TYR A 133 -0.88 -9.66 -3.93
CA TYR A 133 -1.41 -8.29 -3.83
C TYR A 133 -0.42 -7.33 -4.50
N VAL A 134 -0.93 -6.48 -5.40
CA VAL A 134 -0.11 -5.46 -6.10
C VAL A 134 -0.49 -4.08 -5.56
N SER A 135 0.47 -3.42 -4.94
CA SER A 135 0.27 -2.09 -4.35
C SER A 135 1.03 -1.07 -5.17
N GLY A 136 0.32 -0.06 -5.68
CA GLY A 136 0.97 0.99 -6.47
C GLY A 136 0.97 2.29 -5.69
N ILE A 137 2.16 2.83 -5.46
CA ILE A 137 2.33 3.97 -4.55
C ILE A 137 2.40 5.28 -5.35
N ASP A 138 1.67 6.29 -4.87
CA ASP A 138 1.47 7.57 -5.58
CA ASP A 138 1.52 7.54 -5.66
C ASP A 138 2.66 8.54 -5.47
N THR A 139 3.82 8.15 -5.98
CA THR A 139 5.00 9.01 -5.91
C THR A 139 6.03 8.59 -6.95
N TYR A 140 6.82 9.55 -7.38
CA TYR A 140 8.07 9.24 -8.09
C TYR A 140 9.18 9.02 -7.07
N GLY A 141 10.34 8.56 -7.56
CA GLY A 141 11.57 8.51 -6.75
C GLY A 141 11.87 7.14 -6.20
N PRO A 142 12.80 7.05 -5.23
CA PRO A 142 13.22 5.78 -4.63
C PRO A 142 12.03 5.00 -4.05
N ILE A 143 12.13 3.68 -4.08
CA ILE A 143 10.98 2.85 -3.69
C ILE A 143 10.62 2.98 -2.19
N SER A 144 11.61 3.32 -1.36
CA SER A 144 11.31 3.52 0.07
C SER A 144 10.49 4.79 0.38
N SER A 145 10.26 5.64 -0.63
CA SER A 145 9.43 6.86 -0.47
C SER A 145 8.05 6.46 0.06
N VAL A 146 7.58 7.10 1.13
CA VAL A 146 6.25 6.77 1.69
C VAL A 146 5.16 7.59 1.03
N SER A 147 4.12 6.90 0.56
CA SER A 147 2.92 7.59 0.09
C SER A 147 1.71 6.65 0.17
N ARG A 148 0.56 7.17 -0.21
CA ARG A 148 -0.65 6.37 -0.19
C ARG A 148 -0.61 5.36 -1.34
N SER A 149 -1.35 4.27 -1.17
CA SER A 149 -1.40 3.21 -2.17
C SER A 149 -2.66 3.36 -3.00
N ASP A 150 -2.54 4.00 -4.16
CA ASP A 150 -3.68 4.26 -5.04
C ASP A 150 -3.99 3.11 -6.02
N VAL A 151 -3.08 2.14 -6.13
CA VAL A 151 -3.40 0.89 -6.87
C VAL A 151 -3.41 -0.25 -5.87
N ASN A 152 -4.48 -1.06 -5.87
CA ASN A 152 -4.67 -2.13 -4.89
C ASN A 152 -5.36 -3.26 -5.62
N ILE A 153 -4.57 -4.10 -6.26
CA ILE A 153 -5.14 -5.14 -7.12
C ILE A 153 -4.73 -6.50 -6.55
N LEU A 154 -5.72 -7.37 -6.36
CA LEU A 154 -5.45 -8.73 -5.92
C LEU A 154 -5.41 -9.62 -7.16
N MET A 155 -4.34 -10.40 -7.33
CA MET A 155 -4.24 -11.35 -8.43
C MET A 155 -4.40 -12.75 -7.85
N THR A 156 -5.54 -13.38 -8.16
CA THR A 156 -5.79 -14.77 -7.72
C THR A 156 -5.40 -15.66 -8.90
N VAL A 157 -4.39 -16.51 -8.69
CA VAL A 157 -3.79 -17.31 -9.77
C VAL A 157 -4.02 -18.80 -9.49
N ASN A 158 -4.63 -19.51 -10.43
CA ASN A 158 -4.78 -20.96 -10.27
C ASN A 158 -3.94 -21.64 -11.35
N ARG A 159 -2.84 -22.25 -10.94
CA ARG A 159 -1.88 -22.84 -11.88
C ARG A 159 -2.44 -24.11 -12.53
N ASP A 160 -3.39 -24.75 -11.86
CA ASP A 160 -4.03 -26.00 -12.37
C ASP A 160 -5.00 -25.70 -13.51
N THR A 161 -5.82 -24.66 -13.36
CA THR A 161 -6.81 -24.29 -14.37
C THR A 161 -6.30 -23.25 -15.36
N LYS A 162 -5.12 -22.68 -15.06
CA LYS A 162 -4.51 -21.59 -15.83
C LYS A 162 -5.48 -20.42 -15.95
N LYS A 163 -6.02 -20.00 -14.82
CA LYS A 163 -6.93 -18.86 -14.74
C LYS A 163 -6.35 -17.86 -13.75
N ILE A 164 -6.52 -16.58 -14.06
CA ILE A 164 -6.20 -15.51 -13.14
C ILE A 164 -7.42 -14.61 -12.99
N LEU A 165 -7.74 -14.26 -11.76
CA LEU A 165 -8.78 -13.27 -11.50
C LEU A 165 -8.12 -12.01 -10.93
N LEU A 166 -8.36 -10.86 -11.57
CA LEU A 166 -7.90 -9.57 -11.04
C LEU A 166 -9.05 -8.91 -10.31
N THR A 167 -8.87 -8.68 -9.00
CA THR A 167 -9.86 -7.96 -8.20
C THR A 167 -9.32 -6.59 -7.83
N THR A 168 -9.96 -5.55 -8.34
CA THR A 168 -9.59 -4.20 -7.97
CA THR A 168 -9.58 -4.22 -7.95
C THR A 168 -10.48 -3.70 -6.85
N THR A 169 -9.84 -3.09 -5.84
CA THR A 169 -10.56 -2.46 -4.76
C THR A 169 -10.23 -0.97 -4.87
N PRO A 170 -11.28 -0.12 -5.05
CA PRO A 170 -11.07 1.31 -5.23
C PRO A 170 -10.21 1.88 -4.12
N ALA A 171 -9.29 2.76 -4.50
CA ALA A 171 -8.44 3.46 -3.55
C ALA A 171 -9.25 4.16 -2.45
N ASP A 172 -10.43 4.67 -2.80
CA ASP A 172 -11.26 5.36 -1.83
C ASP A 172 -12.22 4.44 -1.04
N ALA A 173 -12.13 3.12 -1.26
CA ALA A 173 -13.03 2.16 -0.55
C ALA A 173 -12.93 2.38 0.96
N TYR A 174 -14.08 2.53 1.61
CA TYR A 174 -14.12 2.88 3.02
C TYR A 174 -14.19 1.59 3.84
N VAL A 175 -13.05 1.17 4.37
CA VAL A 175 -12.91 -0.15 4.99
C VAL A 175 -12.14 -0.06 6.31
N PRO A 176 -12.32 -1.06 7.22
CA PRO A 176 -11.52 -1.09 8.46
C PRO A 176 -10.05 -1.27 8.11
N ILE A 177 -9.20 -0.33 8.52
CA ILE A 177 -7.77 -0.37 8.15
C ILE A 177 -7.01 -1.09 9.27
N ALA A 178 -6.34 -2.17 8.91
CA ALA A 178 -5.61 -3.02 9.84
C ALA A 178 -4.36 -2.34 10.40
N ASP A 179 -3.88 -2.88 11.51
CA ASP A 179 -2.57 -2.54 12.09
C ASP A 179 -2.58 -1.09 12.55
N GLY A 180 -1.75 -0.24 11.95
CA GLY A 180 -1.72 1.19 12.35
C GLY A 180 -3.05 1.90 12.24
N GLY A 181 -3.92 1.42 11.35
CA GLY A 181 -5.27 1.99 11.18
C GLY A 181 -6.22 1.65 12.33
N ASN A 182 -5.76 0.78 13.25
CA ASN A 182 -6.51 0.41 14.44
CA ASN A 182 -6.52 0.44 14.45
C ASN A 182 -7.89 -0.17 14.15
N ASN A 183 -8.03 -0.77 12.98
CA ASN A 183 -9.31 -1.38 12.52
C ASN A 183 -10.47 -0.40 12.39
N GLN A 184 -10.14 0.89 12.33
CA GLN A 184 -11.15 1.93 12.10
C GLN A 184 -11.34 2.16 10.61
N LYS A 185 -12.56 2.52 10.22
CA LYS A 185 -12.83 2.76 8.80
C LYS A 185 -12.11 4.00 8.28
N ASP A 186 -11.54 3.85 7.08
CA ASP A 186 -10.90 4.97 6.38
C ASP A 186 -10.76 4.55 4.93
N LYS A 187 -10.34 5.46 4.05
CA LYS A 187 -10.05 5.02 2.67
C LYS A 187 -8.87 4.07 2.58
N LEU A 188 -9.03 3.02 1.79
CA LEU A 188 -8.05 1.96 1.64
C LEU A 188 -6.65 2.47 1.33
N THR A 189 -6.59 3.48 0.48
CA THR A 189 -5.29 4.06 0.07
C THR A 189 -4.43 4.49 1.27
N HIS A 190 -5.08 4.93 2.36
CA HIS A 190 -4.34 5.31 3.56
C HIS A 190 -3.58 4.16 4.22
N ALA A 191 -4.06 2.92 4.03
CA ALA A 191 -3.35 1.76 4.58
C ALA A 191 -1.88 1.74 4.12
N GLY A 192 -1.63 2.19 2.89
CA GLY A 192 -0.27 2.16 2.31
C GLY A 192 0.71 3.11 3.00
N ILE A 193 0.17 4.15 3.66
CA ILE A 193 0.97 5.07 4.46
C ILE A 193 1.51 4.39 5.73
N TYR A 194 0.67 3.60 6.41
CA TYR A 194 1.13 2.77 7.54
C TYR A 194 2.17 1.73 7.10
N GLY A 195 1.96 1.14 5.93
CA GLY A 195 2.93 0.22 5.36
C GLY A 195 2.22 -0.89 4.62
N VAL A 196 2.99 -1.70 3.88
CA VAL A 196 2.38 -2.73 3.06
C VAL A 196 1.66 -3.81 3.91
N ASP A 197 2.15 -4.08 5.13
CA ASP A 197 1.47 -5.01 6.01
C ASP A 197 0.04 -4.56 6.32
N SER A 198 -0.14 -3.26 6.58
CA SER A 198 -1.47 -2.69 6.79
C SER A 198 -2.39 -2.92 5.58
N SER A 199 -1.90 -2.62 4.37
CA SER A 199 -2.68 -2.85 3.16
C SER A 199 -3.05 -4.32 3.03
N ILE A 200 -2.06 -5.19 3.23
CA ILE A 200 -2.31 -6.63 3.06
C ILE A 200 -3.38 -7.13 4.03
N HIS A 201 -3.20 -6.85 5.32
CA HIS A 201 -4.11 -7.35 6.33
C HIS A 201 -5.52 -6.75 6.17
N THR A 202 -5.58 -5.48 5.77
CA THR A 202 -6.86 -4.83 5.47
C THR A 202 -7.64 -5.63 4.42
N LEU A 203 -6.95 -6.01 3.34
CA LEU A 203 -7.64 -6.76 2.26
C LEU A 203 -7.90 -8.21 2.63
N GLU A 204 -6.99 -8.81 3.39
CA GLU A 204 -7.25 -10.15 3.94
C GLU A 204 -8.54 -10.15 4.79
N ASN A 205 -8.69 -9.13 5.63
CA ASN A 205 -9.86 -9.00 6.51
C ASN A 205 -11.13 -8.74 5.69
N LEU A 206 -11.03 -7.85 4.70
CA LEU A 206 -12.16 -7.50 3.85
C LEU A 206 -12.73 -8.67 3.05
N TYR A 207 -11.85 -9.43 2.40
CA TYR A 207 -12.28 -10.52 1.52
C TYR A 207 -12.28 -11.91 2.17
N GLY A 208 -11.73 -12.03 3.38
CA GLY A 208 -11.63 -13.32 4.07
C GLY A 208 -10.75 -14.31 3.33
N VAL A 209 -9.61 -13.82 2.83
CA VAL A 209 -8.68 -14.69 2.09
C VAL A 209 -7.26 -14.50 2.59
N ASP A 210 -6.40 -15.49 2.35
CA ASP A 210 -4.99 -15.32 2.62
C ASP A 210 -4.34 -14.65 1.41
N ILE A 211 -3.49 -13.67 1.67
CA ILE A 211 -2.65 -13.09 0.62
C ILE A 211 -1.28 -13.70 0.79
N ASN A 212 -0.85 -14.45 -0.21
CA ASN A 212 0.41 -15.18 -0.11
C ASN A 212 1.65 -14.29 -0.25
N TYR A 213 1.59 -13.35 -1.19
CA TYR A 213 2.74 -12.50 -1.56
C TYR A 213 2.26 -11.10 -1.89
N TYR A 214 3.17 -10.15 -1.86
CA TYR A 214 2.89 -8.80 -2.35
C TYR A 214 3.97 -8.33 -3.31
N VAL A 215 3.60 -7.34 -4.11
CA VAL A 215 4.55 -6.57 -4.89
C VAL A 215 4.19 -5.11 -4.66
N ARG A 216 5.17 -4.29 -4.29
CA ARG A 216 4.94 -2.86 -4.07
C ARG A 216 5.85 -2.06 -5.01
N LEU A 217 5.28 -1.11 -5.75
CA LEU A 217 6.05 -0.32 -6.71
C LEU A 217 5.49 1.08 -6.81
N ASN A 218 6.30 2.04 -7.26
CA ASN A 218 5.82 3.43 -7.40
C ASN A 218 5.91 3.89 -8.86
N PHE A 219 5.67 5.18 -9.13
CA PHE A 219 5.66 5.69 -10.52
C PHE A 219 6.99 5.38 -11.23
N THR A 220 8.10 5.66 -10.53
CA THR A 220 9.43 5.48 -11.08
C THR A 220 9.70 4.00 -11.32
N SER A 221 9.27 3.14 -10.40
CA SER A 221 9.38 1.69 -10.58
C SER A 221 8.64 1.21 -11.83
N PHE A 222 7.42 1.72 -12.00
CA PHE A 222 6.56 1.33 -13.12
C PHE A 222 7.23 1.71 -14.46
N LEU A 223 7.72 2.95 -14.54
CA LEU A 223 8.42 3.41 -15.74
C LEU A 223 9.61 2.50 -16.09
N LYS A 224 10.43 2.19 -15.09
CA LYS A 224 11.62 1.33 -15.32
C LYS A 224 11.21 -0.04 -15.84
N MET A 225 10.16 -0.61 -15.25
CA MET A 225 9.67 -1.92 -15.64
C MET A 225 9.15 -1.93 -17.08
N ILE A 226 8.34 -0.95 -17.45
CA ILE A 226 7.80 -0.89 -18.81
C ILE A 226 8.94 -0.70 -19.82
N ASP A 227 9.89 0.19 -19.49
CA ASP A 227 11.11 0.41 -20.30
C ASP A 227 11.81 -0.92 -20.57
N LEU A 228 12.04 -1.68 -19.51
CA LEU A 228 12.77 -2.93 -19.61
C LEU A 228 12.07 -3.94 -20.51
N LEU A 229 10.74 -3.95 -20.48
CA LEU A 229 9.95 -4.91 -21.23
C LEU A 229 9.64 -4.45 -22.67
N GLY A 230 10.11 -3.27 -23.04
CA GLY A 230 9.91 -2.80 -24.41
C GLY A 230 8.51 -2.23 -24.65
N GLY A 231 7.91 -1.69 -23.60
CA GLY A 231 6.55 -1.17 -23.70
C GLY A 231 5.50 -2.27 -23.56
N VAL A 232 4.23 -1.87 -23.59
CA VAL A 232 3.13 -2.84 -23.52
C VAL A 232 2.05 -2.54 -24.57
N ASP A 233 1.27 -3.56 -24.92
CA ASP A 233 0.26 -3.40 -25.95
C ASP A 233 -1.10 -3.73 -25.36
N VAL A 234 -2.05 -2.83 -25.55
CA VAL A 234 -3.40 -3.01 -25.01
C VAL A 234 -4.44 -2.67 -26.08
N HIS A 235 -5.68 -3.08 -25.86
CA HIS A 235 -6.78 -2.61 -26.70
C HIS A 235 -7.54 -1.57 -25.91
N ASN A 236 -7.52 -0.34 -26.41
CA ASN A 236 -8.20 0.77 -25.75
C ASN A 236 -9.66 0.89 -26.21
N ASP A 237 -10.57 0.97 -25.25
CA ASP A 237 -12.02 0.92 -25.48
C ASP A 237 -12.70 2.27 -25.68
N GLN A 238 -12.04 3.36 -25.27
CA GLN A 238 -12.64 4.70 -25.38
C GLN A 238 -11.54 5.73 -25.62
N GLU A 239 -11.84 6.68 -26.48
CA GLU A 239 -10.88 7.74 -26.76
C GLU A 239 -10.70 8.59 -25.51
N PHE A 240 -9.45 8.79 -25.11
CA PHE A 240 -9.17 9.73 -24.01
C PHE A 240 -7.76 10.28 -24.07
N SER A 241 -7.51 11.35 -23.31
CA SER A 241 -6.18 11.90 -23.19
C SER A 241 -5.74 11.87 -21.75
N ALA A 242 -4.44 11.94 -21.53
CA ALA A 242 -3.89 11.92 -20.18
C ALA A 242 -2.79 12.97 -19.98
N LEU A 243 -2.57 13.32 -18.72
CA LEU A 243 -1.49 14.20 -18.27
C LEU A 243 -1.56 15.58 -18.91
N HIS A 244 -2.65 16.27 -18.56
CA HIS A 244 -3.05 17.54 -19.15
C HIS A 244 -2.77 17.57 -20.65
N GLY A 245 -3.39 16.60 -21.33
CA GLY A 245 -3.42 16.53 -22.79
C GLY A 245 -2.13 16.19 -23.49
N LYS A 246 -1.14 15.70 -22.75
CA LYS A 246 0.14 15.33 -23.33
C LYS A 246 -0.01 14.09 -24.23
N PHE A 247 -0.82 13.12 -23.80
CA PHE A 247 -0.97 11.89 -24.57
C PHE A 247 -2.39 11.72 -24.98
N HIS A 248 -2.60 11.21 -26.18
CA HIS A 248 -3.92 10.94 -26.69
C HIS A 248 -4.02 9.46 -27.06
N PHE A 249 -5.06 8.79 -26.56
CA PHE A 249 -5.26 7.38 -26.82
C PHE A 249 -6.53 7.14 -27.64
N PRO A 250 -6.37 6.78 -28.92
CA PRO A 250 -7.53 6.47 -29.76
C PRO A 250 -8.14 5.11 -29.41
N VAL A 251 -9.36 4.88 -29.88
CA VAL A 251 -9.97 3.56 -29.75
C VAL A 251 -9.18 2.59 -30.66
N GLY A 252 -8.86 1.41 -30.14
CA GLY A 252 -8.23 0.36 -30.93
C GLY A 252 -6.96 -0.14 -30.26
N ASN A 253 -6.17 -0.91 -31.00
CA ASN A 253 -4.90 -1.41 -30.45
C ASN A 253 -3.88 -0.28 -30.33
N VAL A 254 -3.29 -0.14 -29.15
CA VAL A 254 -2.33 0.92 -28.84
CA VAL A 254 -2.28 0.89 -28.92
C VAL A 254 -1.06 0.33 -28.22
N HIS A 255 0.12 0.74 -28.69
CA HIS A 255 1.36 0.41 -28.02
C HIS A 255 1.70 1.55 -27.06
N LEU A 256 2.06 1.20 -25.83
CA LEU A 256 2.36 2.19 -24.80
C LEU A 256 3.82 2.04 -24.39
N ASP A 257 4.62 3.08 -24.64
CA ASP A 257 5.94 3.15 -24.02
C ASP A 257 5.74 3.52 -22.55
N SER A 258 6.82 3.64 -21.77
CA SER A 258 6.65 3.80 -20.31
C SER A 258 5.84 5.03 -19.90
N GLU A 259 6.16 6.20 -20.45
CA GLU A 259 5.47 7.42 -20.08
C GLU A 259 4.00 7.39 -20.50
N GLN A 260 3.75 6.86 -21.70
CA GLN A 260 2.39 6.70 -22.22
C GLN A 260 1.59 5.77 -21.30
N ALA A 261 2.22 4.67 -20.87
CA ALA A 261 1.56 3.69 -19.99
C ALA A 261 1.23 4.32 -18.65
N LEU A 262 2.13 5.14 -18.11
CA LEU A 262 1.85 5.78 -16.83
C LEU A 262 0.66 6.73 -16.96
N GLY A 263 0.62 7.52 -18.03
CA GLY A 263 -0.59 8.35 -18.31
C GLY A 263 -1.84 7.50 -18.41
N PHE A 264 -1.73 6.40 -19.17
CA PHE A 264 -2.85 5.48 -19.40
C PHE A 264 -3.46 4.92 -18.11
N VAL A 265 -2.63 4.69 -17.10
CA VAL A 265 -3.13 4.13 -15.83
C VAL A 265 -3.50 5.17 -14.76
N ARG A 266 -3.24 6.45 -15.04
CA ARG A 266 -3.51 7.52 -14.08
C ARG A 266 -4.77 8.32 -14.35
N GLU A 267 -5.19 8.40 -15.61
CA GLU A 267 -6.36 9.25 -15.96
C GLU A 267 -7.66 8.62 -15.46
N ARG A 268 -8.54 9.45 -14.86
CA ARG A 268 -9.84 8.95 -14.46
C ARG A 268 -10.98 9.93 -14.77
N TYR A 269 -10.76 11.23 -14.56
CA TYR A 269 -11.89 12.16 -14.56
C TYR A 269 -12.63 12.23 -15.87
N SER A 270 -11.90 12.11 -16.99
CA SER A 270 -12.51 12.24 -18.31
C SER A 270 -13.11 10.94 -18.85
N LEU A 271 -12.99 9.84 -18.09
CA LEU A 271 -13.49 8.53 -18.55
C LEU A 271 -14.97 8.35 -18.30
N ALA A 272 -15.64 7.59 -19.18
CA ALA A 272 -17.10 7.40 -19.07
C ALA A 272 -17.54 6.87 -17.71
N ASP A 273 -16.77 5.91 -17.17
CA ASP A 273 -17.06 5.34 -15.84
C ASP A 273 -15.96 5.73 -14.82
N GLY A 274 -15.31 6.86 -15.09
CA GLY A 274 -14.41 7.49 -14.12
C GLY A 274 -13.38 6.53 -13.55
N ASP A 275 -13.33 6.49 -12.22
CA ASP A 275 -12.32 5.63 -11.53
C ASP A 275 -12.49 4.13 -11.81
N ARG A 276 -13.70 3.68 -12.11
CA ARG A 276 -13.91 2.29 -12.48
C ARG A 276 -13.25 1.94 -13.83
N ASP A 277 -13.37 2.87 -14.78
CA ASP A 277 -12.63 2.71 -16.03
C ASP A 277 -11.12 2.79 -15.83
N ARG A 278 -10.66 3.63 -14.88
CA ARG A 278 -9.22 3.69 -14.62
C ARG A 278 -8.77 2.34 -14.06
N GLY A 279 -9.55 1.80 -13.13
CA GLY A 279 -9.28 0.42 -12.64
C GLY A 279 -9.19 -0.61 -13.75
N ARG A 280 -10.10 -0.53 -14.73
CA ARG A 280 -10.09 -1.45 -15.88
C ARG A 280 -8.85 -1.24 -16.74
N ASN A 281 -8.44 0.00 -16.93
CA ASN A 281 -7.21 0.29 -17.69
C ASN A 281 -5.96 -0.28 -17.00
N GLN A 282 -5.95 -0.20 -15.68
CA GLN A 282 -4.86 -0.82 -14.90
C GLN A 282 -4.84 -2.35 -15.09
N GLN A 283 -6.03 -2.97 -15.08
CA GLN A 283 -6.16 -4.41 -15.34
C GLN A 283 -5.65 -4.75 -16.76
N LYS A 284 -5.99 -3.93 -17.77
CA LYS A 284 -5.45 -4.18 -19.11
C LYS A 284 -3.92 -4.16 -19.10
N VAL A 285 -3.36 -3.22 -18.35
CA VAL A 285 -1.90 -3.08 -18.34
C VAL A 285 -1.24 -4.25 -17.58
N ILE A 286 -1.87 -4.73 -16.51
CA ILE A 286 -1.39 -5.98 -15.86
C ILE A 286 -1.34 -7.15 -16.83
N VAL A 287 -2.41 -7.30 -17.61
CA VAL A 287 -2.44 -8.39 -18.58
C VAL A 287 -1.29 -8.23 -19.58
N ALA A 288 -1.11 -7.01 -20.09
CA ALA A 288 -0.05 -6.75 -21.07
C ALA A 288 1.35 -6.98 -20.48
N ILE A 289 1.54 -6.58 -19.21
CA ILE A 289 2.82 -6.88 -18.51
C ILE A 289 3.04 -8.40 -18.39
N LEU A 290 2.00 -9.11 -17.98
CA LEU A 290 2.09 -10.57 -17.88
C LEU A 290 2.44 -11.20 -19.23
N GLN A 291 1.87 -10.69 -20.31
CA GLN A 291 2.22 -11.19 -21.64
C GLN A 291 3.71 -10.98 -21.96
N LYS A 292 4.27 -9.83 -21.60
CA LYS A 292 5.72 -9.61 -21.81
C LYS A 292 6.57 -10.50 -20.89
N LEU A 293 6.14 -10.67 -19.64
CA LEU A 293 6.90 -11.42 -18.65
C LEU A 293 6.94 -12.91 -18.92
N THR A 294 5.97 -13.40 -19.69
CA THR A 294 5.87 -14.85 -19.98
C THR A 294 6.34 -15.16 -21.41
N SER A 295 6.98 -14.19 -22.06
CA SER A 295 7.66 -14.49 -23.32
C SER A 295 8.83 -15.42 -23.00
N THR A 296 9.23 -16.24 -23.96
CA THR A 296 10.38 -17.15 -23.75
C THR A 296 11.63 -16.36 -23.33
N GLU A 297 11.89 -15.22 -24.00
CA GLU A 297 13.08 -14.41 -23.66
C GLU A 297 13.03 -13.86 -22.24
N ALA A 298 11.89 -13.31 -21.84
CA ALA A 298 11.77 -12.75 -20.49
C ALA A 298 11.94 -13.85 -19.43
N LEU A 299 11.33 -15.00 -19.68
CA LEU A 299 11.46 -16.10 -18.73
C LEU A 299 12.90 -16.61 -18.61
N LYS A 300 13.56 -16.84 -19.74
CA LYS A 300 14.96 -17.29 -19.74
C LYS A 300 15.88 -16.28 -19.06
N ASN A 301 15.52 -15.01 -19.18
CA ASN A 301 16.31 -13.92 -18.63
C ASN A 301 15.73 -13.34 -17.35
N TYR A 302 14.96 -14.16 -16.62
CA TYR A 302 14.27 -13.64 -15.43
C TYR A 302 15.28 -13.06 -14.40
N SER A 303 16.46 -13.66 -14.28
CA SER A 303 17.47 -13.19 -13.33
CA SER A 303 17.45 -13.18 -13.32
CA SER A 303 17.47 -13.19 -13.33
C SER A 303 17.95 -11.78 -13.67
N THR A 304 18.10 -11.50 -14.97
CA THR A 304 18.45 -10.12 -15.41
C THR A 304 17.32 -9.12 -15.06
N ILE A 305 16.08 -9.56 -15.23
CA ILE A 305 14.92 -8.71 -14.86
C ILE A 305 14.94 -8.40 -13.34
N ILE A 306 15.14 -9.43 -12.52
CA ILE A 306 15.35 -9.22 -11.08
C ILE A 306 16.51 -8.24 -10.80
N ASN A 307 17.68 -8.51 -11.40
CA ASN A 307 18.84 -7.64 -11.20
C ASN A 307 18.55 -6.19 -11.61
N SER A 308 17.74 -6.03 -12.64
CA SER A 308 17.49 -4.72 -13.23
C SER A 308 16.44 -3.90 -12.47
N LEU A 309 15.57 -4.59 -11.74
CA LEU A 309 14.42 -3.95 -11.08
C LEU A 309 14.44 -4.09 -9.56
N GLN A 310 15.34 -4.90 -9.01
CA GLN A 310 15.27 -5.19 -7.56
C GLN A 310 15.48 -3.95 -6.67
N ASP A 311 16.17 -2.91 -7.16
CA ASP A 311 16.33 -1.71 -6.34
C ASP A 311 15.09 -0.79 -6.36
N SER A 312 14.11 -1.10 -7.19
CA SER A 312 12.96 -0.22 -7.35
C SER A 312 11.60 -0.90 -7.15
N ILE A 313 11.62 -2.22 -7.07
CA ILE A 313 10.37 -2.98 -6.85
C ILE A 313 10.55 -3.86 -5.62
N GLN A 314 9.67 -3.73 -4.63
CA GLN A 314 9.70 -4.56 -3.42
C GLN A 314 8.73 -5.75 -3.55
N THR A 315 9.19 -6.93 -3.16
CA THR A 315 8.32 -8.10 -3.17
C THR A 315 8.81 -9.11 -2.14
N ASN A 316 7.89 -9.89 -1.56
CA ASN A 316 8.30 -11.00 -0.70
C ASN A 316 8.15 -12.36 -1.37
N VAL A 317 7.97 -12.37 -2.69
CA VAL A 317 7.98 -13.65 -3.39
C VAL A 317 9.40 -14.22 -3.24
N PRO A 318 9.54 -15.40 -2.60
CA PRO A 318 10.90 -15.96 -2.46
C PRO A 318 11.55 -16.26 -3.80
N LEU A 319 12.87 -16.08 -3.88
CA LEU A 319 13.62 -16.48 -5.07
C LEU A 319 13.25 -17.91 -5.50
N GLU A 320 13.20 -18.81 -4.53
CA GLU A 320 12.81 -20.20 -4.79
C GLU A 320 11.51 -20.29 -5.59
N THR A 321 10.53 -19.51 -5.17
CA THR A 321 9.21 -19.52 -5.79
C THR A 321 9.27 -18.91 -7.20
N MET A 322 10.01 -17.81 -7.36
CA MET A 322 10.20 -17.24 -8.69
CA MET A 322 10.21 -17.24 -8.69
C MET A 322 10.78 -18.27 -9.65
N ILE A 323 11.79 -19.03 -9.17
CA ILE A 323 12.43 -20.03 -10.02
C ILE A 323 11.40 -21.11 -10.41
N ASN A 324 10.59 -21.55 -9.46
CA ASN A 324 9.57 -22.55 -9.77
C ASN A 324 8.53 -22.04 -10.78
N LEU A 325 8.05 -20.82 -10.57
CA LEU A 325 7.04 -20.23 -11.46
C LEU A 325 7.61 -20.07 -12.88
N VAL A 326 8.81 -19.53 -12.96
CA VAL A 326 9.43 -19.29 -14.27
C VAL A 326 9.68 -20.59 -15.04
N ASN A 327 10.30 -21.57 -14.36
CA ASN A 327 10.66 -22.79 -15.01
C ASN A 327 9.46 -23.66 -15.36
N ALA A 328 8.40 -23.62 -14.54
CA ALA A 328 7.20 -24.40 -14.87
C ALA A 328 6.60 -23.84 -16.16
N GLN A 329 6.60 -22.51 -16.25
CA GLN A 329 6.05 -21.84 -17.44
C GLN A 329 6.93 -22.07 -18.66
N LEU A 330 8.26 -22.04 -18.49
CA LEU A 330 9.19 -22.36 -19.60
C LEU A 330 8.98 -23.75 -20.17
N GLU A 331 8.63 -24.69 -19.28
CA GLU A 331 8.45 -26.08 -19.68
C GLU A 331 7.09 -26.32 -20.33
N SER A 332 6.05 -25.71 -19.78
CA SER A 332 4.66 -26.01 -20.18
C SER A 332 4.12 -25.08 -21.26
N GLY A 333 4.56 -23.83 -21.25
CA GLY A 333 3.89 -22.78 -22.02
C GLY A 333 2.42 -22.67 -21.63
N GLY A 334 1.59 -22.14 -22.53
CA GLY A 334 0.16 -21.99 -22.22
C GLY A 334 -0.17 -20.70 -21.50
N ASN A 335 -1.07 -19.91 -22.08
CA ASN A 335 -1.40 -18.60 -21.52
C ASN A 335 -2.46 -18.72 -20.44
N TYR A 336 -2.48 -17.76 -19.50
CA TYR A 336 -3.54 -17.72 -18.48
C TYR A 336 -4.73 -16.99 -19.06
N LYS A 337 -5.92 -17.52 -18.81
CA LYS A 337 -7.14 -16.78 -19.12
C LYS A 337 -7.36 -15.82 -17.96
N VAL A 338 -7.56 -14.54 -18.26
CA VAL A 338 -7.69 -13.53 -17.21
C VAL A 338 -9.08 -12.94 -17.20
N ASN A 339 -9.69 -12.89 -16.02
CA ASN A 339 -10.93 -12.19 -15.82
C ASN A 339 -10.75 -11.12 -14.76
N SER A 340 -11.65 -10.13 -14.77
CA SER A 340 -11.50 -9.00 -13.86
C SER A 340 -12.82 -8.67 -13.16
N GLN A 341 -12.70 -8.09 -11.97
CA GLN A 341 -13.87 -7.60 -11.24
C GLN A 341 -13.44 -6.43 -10.36
N ASP A 342 -14.43 -5.66 -9.89
CA ASP A 342 -14.15 -4.49 -9.04
C ASP A 342 -15.21 -4.41 -7.95
N LEU A 343 -14.79 -4.04 -6.75
CA LEU A 343 -15.69 -3.84 -5.64
C LEU A 343 -16.42 -2.50 -5.81
N LYS A 344 -17.75 -2.57 -5.78
CA LYS A 344 -18.60 -1.39 -5.99
C LYS A 344 -19.14 -0.79 -4.70
N GLY A 345 -19.67 0.42 -4.82
CA GLY A 345 -20.16 1.16 -3.67
C GLY A 345 -20.59 2.55 -4.07
N THR A 346 -20.81 3.39 -3.07
CA THR A 346 -21.35 4.73 -3.33
C THR A 346 -20.44 5.79 -2.73
N GLY A 347 -20.04 6.75 -3.56
CA GLY A 347 -19.20 7.87 -3.10
C GLY A 347 -19.96 8.84 -2.20
N ARG A 348 -19.32 9.19 -1.08
CA ARG A 348 -19.89 10.07 -0.08
C ARG A 348 -18.81 11.02 0.45
N MET A 349 -19.20 12.20 0.92
CA MET A 349 -18.24 13.11 1.56
C MET A 349 -18.57 13.42 3.03
N ASP A 350 -19.44 12.60 3.61
CA ASP A 350 -19.97 12.85 4.96
C ASP A 350 -19.57 11.79 5.98
N LEU A 351 -18.55 11.00 5.66
CA LEU A 351 -18.07 9.94 6.55
C LEU A 351 -16.67 10.24 7.07
N PRO A 352 -16.40 9.92 8.35
CA PRO A 352 -15.14 10.37 8.95
C PRO A 352 -13.92 9.54 8.53
N SER A 353 -12.81 10.24 8.29
CA SER A 353 -11.53 9.57 8.00
C SER A 353 -10.74 9.39 9.29
N TYR A 354 -10.35 8.17 9.61
CA TYR A 354 -9.55 7.94 10.82
C TYR A 354 -8.23 8.74 10.79
N ALA A 355 -7.56 8.72 9.64
CA ALA A 355 -6.25 9.38 9.51
C ALA A 355 -6.38 10.89 9.47
N MET A 356 -7.47 11.38 8.87
CA MET A 356 -7.69 12.81 8.72
C MET A 356 -9.04 13.24 9.29
N PRO A 357 -9.17 13.23 10.63
CA PRO A 357 -10.48 13.46 11.24
C PRO A 357 -11.01 14.88 11.06
N ASP A 358 -10.12 15.83 10.75
CA ASP A 358 -10.54 17.22 10.61
C ASP A 358 -10.86 17.63 9.17
N SER A 359 -10.71 16.71 8.23
CA SER A 359 -10.94 16.97 6.80
C SER A 359 -12.19 16.23 6.28
N ASN A 360 -12.98 16.86 5.41
CA ASN A 360 -14.03 16.17 4.64
C ASN A 360 -13.40 15.53 3.43
N LEU A 361 -13.29 14.21 3.41
CA LEU A 361 -12.74 13.49 2.26
C LEU A 361 -13.84 12.73 1.54
N TYR A 362 -13.65 12.50 0.24
CA TYR A 362 -14.50 11.60 -0.53
C TYR A 362 -14.10 10.15 -0.20
N VAL A 363 -15.07 9.32 0.18
CA VAL A 363 -14.82 7.89 0.35
C VAL A 363 -15.90 7.11 -0.41
N MET A 364 -15.66 5.82 -0.65
CA MET A 364 -16.68 4.98 -1.28
C MET A 364 -17.22 3.98 -0.26
N GLU A 365 -18.48 4.17 0.13
CA GLU A 365 -19.12 3.22 1.04
C GLU A 365 -19.38 1.92 0.27
N ILE A 366 -18.94 0.78 0.82
CA ILE A 366 -19.03 -0.48 0.08
C ILE A 366 -20.47 -1.00 -0.04
N ASP A 367 -20.79 -1.52 -1.21
CA ASP A 367 -22.07 -2.23 -1.43
C ASP A 367 -21.90 -3.67 -0.97
N ASP A 368 -22.73 -4.08 -0.01
CA ASP A 368 -22.64 -5.44 0.56
C ASP A 368 -22.85 -6.54 -0.47
N SER A 369 -23.76 -6.33 -1.41
CA SER A 369 -24.03 -7.34 -2.43
C SER A 369 -22.85 -7.51 -3.37
N SER A 370 -22.18 -6.39 -3.70
CA SER A 370 -20.94 -6.43 -4.49
C SER A 370 -19.86 -7.21 -3.73
N LEU A 371 -19.69 -6.90 -2.45
CA LEU A 371 -18.71 -7.60 -1.61
C LEU A 371 -18.93 -9.13 -1.62
N ALA A 372 -20.19 -9.55 -1.47
CA ALA A 372 -20.51 -10.99 -1.50
C ALA A 372 -20.12 -11.62 -2.84
N VAL A 373 -20.42 -10.93 -3.93
CA VAL A 373 -20.09 -11.41 -5.30
C VAL A 373 -18.58 -11.53 -5.50
N VAL A 374 -17.88 -10.46 -5.14
CA VAL A 374 -16.41 -10.43 -5.22
C VAL A 374 -15.76 -11.58 -4.46
N LYS A 375 -16.21 -11.79 -3.22
CA LYS A 375 -15.67 -12.89 -2.39
C LYS A 375 -15.92 -14.28 -3.01
N ALA A 376 -17.15 -14.49 -3.51
CA ALA A 376 -17.53 -15.75 -4.14
C ALA A 376 -16.70 -16.03 -5.41
N ALA A 377 -16.38 -14.99 -6.18
CA ALA A 377 -15.58 -15.15 -7.40
C ALA A 377 -14.13 -15.52 -7.06
N ILE A 378 -13.57 -14.90 -6.02
CA ILE A 378 -12.22 -15.26 -5.56
C ILE A 378 -12.17 -16.73 -5.14
N GLN A 379 -13.13 -17.14 -4.31
CA GLN A 379 -13.21 -18.54 -3.86
C GLN A 379 -13.35 -19.50 -5.04
N ASP A 380 -14.18 -19.15 -6.01
CA ASP A 380 -14.42 -20.05 -7.16
C ASP A 380 -13.14 -20.28 -7.97
N VAL A 381 -12.39 -19.20 -8.22
CA VAL A 381 -11.16 -19.31 -8.99
C VAL A 381 -10.10 -20.12 -8.23
N MET A 382 -10.01 -19.90 -6.92
CA MET A 382 -9.05 -20.64 -6.10
C MET A 382 -9.36 -22.13 -6.09
N GLU A 383 -10.64 -22.47 -6.03
CA GLU A 383 -11.06 -23.87 -5.93
C GLU A 383 -11.11 -24.57 -7.29
N GLY A 384 -10.88 -23.82 -8.36
CA GLY A 384 -10.97 -24.34 -9.71
C GLY A 384 -12.42 -24.65 -10.05
N ARG A 385 -13.30 -23.70 -9.74
CA ARG A 385 -14.73 -23.83 -10.01
C ARG A 385 -15.19 -22.91 -11.14
N LYS A 386 -16.32 -23.27 -11.75
CA LYS A 386 -16.96 -22.57 -12.88
C LYS A 386 -16.92 -21.05 -12.78
C1 EDO B . -1.94 -13.69 -20.12
O1 EDO B . -2.75 -14.41 -21.04
C2 EDO B . -0.54 -14.28 -20.19
O2 EDO B . -0.51 -15.53 -19.49
C ACT C . 13.64 -24.71 -6.57
O ACT C . 12.92 -25.55 -7.21
OXT ACT C . 14.00 -23.70 -7.18
CH3 ACT C . 14.05 -24.88 -5.14
C1 EDO D . -2.58 -1.83 21.72
O1 EDO D . -2.50 -0.73 22.62
C2 EDO D . -1.19 -2.14 21.16
O2 EDO D . -0.33 -2.51 22.23
C1 EDO E . -18.87 -7.34 -8.29
O1 EDO E . -19.70 -6.20 -8.05
C2 EDO E . -18.66 -7.53 -9.78
O2 EDO E . -17.49 -6.81 -10.23
C1 EDO F . -7.17 11.94 0.91
O1 EDO F . -8.02 11.95 -0.24
C2 EDO F . -5.89 11.21 0.56
O2 EDO F . -5.00 11.35 1.66
C1 EDO G . -11.76 1.56 -19.98
O1 EDO G . -12.17 2.02 -21.27
C2 EDO G . -12.42 0.22 -19.63
O2 EDO G . -12.34 -0.71 -20.70
C1 ZTP H . 7.48 -13.91 -13.28
O1 ZTP H . -2.13 9.37 -9.88
P1 ZTP H . -3.08 10.72 -9.79
C2 ZTP H . 6.63 -14.76 -14.22
O2 ZTP H . -2.67 11.64 -11.06
P2 ZTP H . -1.69 12.41 -7.91
C3 ZTP H . 6.44 -14.27 -15.65
O3 ZTP H . -4.66 10.33 -9.85
C4 ZTP H . 6.06 -15.96 -13.80
O4 ZTP H . -2.86 11.38 -8.33
C5 ZTP H . 5.25 -16.84 -14.51
O5 ZTP H . -2.00 13.79 -8.70
C6 ZTP H . 3.77 -16.39 -14.50
O6 ZTP H . -0.32 11.83 -8.55
C7 ZTP H . 2.95 -16.89 -13.29
O7 ZTP H . -1.64 12.55 -6.44
C8 ZTP H . 2.83 -18.40 -13.05
C9 ZTP H . 2.28 -16.03 -12.42
C10 ZTP H . 2.25 -14.64 -12.45
C11 ZTP H . 2.49 -13.98 -11.08
C12 ZTP H . 3.96 -13.57 -10.80
C13 ZTP H . 4.71 -14.28 -9.67
C14 ZTP H . 4.66 -12.54 -11.44
C15 ZTP H . 4.31 -11.67 -12.48
C16 ZTP H . 4.39 -10.19 -12.03
C17 ZTP H . 3.00 -9.63 -11.67
C18 ZTP H . 2.06 -10.50 -10.85
C19 ZTP H . 2.57 -8.33 -12.01
C20 ZTP H . 3.25 -7.34 -12.70
C21 ZTP H . 2.42 -6.03 -12.72
C22 ZTP H . 2.91 -5.01 -11.69
C23 ZTP H . 4.03 -5.34 -10.71
C24 ZTP H . 2.34 -3.73 -11.64
C25 ZTP H . 1.30 -3.19 -12.37
C26 ZTP H . 0.57 -2.19 -11.46
C27 ZTP H . -0.13 -1.07 -12.21
C28 ZTP H . -1.25 -1.44 -13.20
C29 ZTP H . 0.16 0.28 -11.98
C30 ZTP H . 1.09 0.85 -11.12
C31 ZTP H . 1.14 2.37 -11.31
C32 ZTP H . 1.46 3.14 -10.04
C33 ZTP H . 2.71 2.84 -9.24
C34 ZTP H . 0.64 4.17 -9.59
C35 ZTP H . -0.55 4.68 -10.12
C36 ZTP H . -1.28 5.36 -8.97
C37 ZTP H . -2.59 6.02 -9.41
C38 ZTP H . -3.73 5.17 -9.93
C39 ZTP H . -2.88 7.37 -9.24
C40 ZTP H . -2.10 8.43 -8.84
#